data_1EUQ
#
_entry.id   1EUQ
#
_cell.length_a   230.910
_cell.length_b   93.590
_cell.length_c   113.110
_cell.angle_alpha   90.00
_cell.angle_beta   90.00
_cell.angle_gamma   90.00
#
_symmetry.space_group_name_H-M   'C 2 2 21'
#
loop_
_entity.id
_entity.type
_entity.pdbx_description
1 polymer 'GLUTAMINYL TRNA'
2 polymer 'GLUTAMINYL-TRNA SYNTHETASE'
3 non-polymer "5'-O-[N-(L-GLUTAMINYL)-SULFAMOYL]ADENOSINE"
#
loop_
_entity_poly.entity_id
_entity_poly.type
_entity_poly.pdbx_seq_one_letter_code
_entity_poly.pdbx_strand_id
1 'polyribonucleotide' GGGGUAUCGCCAAGCGGUAAGGCACCGGAUUCUGAUUCCGGCAGCGAGGUUCGAAUCCUCGUACCCCAGCCA B
2 'polypeptide(L)'
;MSEAEARPTNFIRQIIDEDLASGKHTTVHTRFPPEPNGYLHIGHAKSICLNFGIAQDYKGQCNLRFDDTNPVKEDIEYVE
SIKNDVEWLGFHWSGNVRYSSDYFDQLHAYAIELINKGLAYVDELTPEQIREYRGTLTQPGKNSPYRDRSVEENLALFEK
MRAGGFEEGKACLRAKIDMASPFIVMRDPVLYRIKFAEHHQTGNKWCIYPMYDFTHCISDALEGITHSLCTLEFQDNRRL
YDWVLDNITIPVHPRQYEFSRLNLEYTVMSKRKLNLLVTDKHVEGWDDPRMPTISGLRRRGYTAASIREFCKRIGVTKQD
NTIEMASLESCIREDLNENAPRAMAVIDPVKLVIENYQGEGEMVTMPNHPNKPEMGSRQVPFSGEIWIDRADFREEANKQ
YKRLVLGKEVRLRNAYVIKAERVEKDAEGNITTIFCTYDADTLSKDPADGRKVKGVIHWVSAAHALPVEIRLYDRLFSVP
NPGAADDFLSVINPESLVIKQGFAEPSLKDAVAGKAFQFEREGYFCLDSRHSTAEKPVFNRTVGLRDT
;
A
#
loop_
_chem_comp.id
_chem_comp.type
_chem_comp.name
_chem_comp.formula
A RNA linking ADENOSINE-5'-MONOPHOSPHATE 'C10 H14 N5 O7 P'
C RNA linking CYTIDINE-5'-MONOPHOSPHATE 'C9 H14 N3 O8 P'
G RNA linking GUANOSINE-5'-MONOPHOSPHATE 'C10 H14 N5 O8 P'
QSI non-polymer 5'-O-[N-(L-GLUTAMINYL)-SULFAMOYL]ADENOSINE 'C15 H22 N8 O8 S'
U RNA linking URIDINE-5'-MONOPHOSPHATE 'C9 H13 N2 O9 P'
#
# COMPACT_ATOMS: atom_id res chain seq x y z
N THR B 9 4.09 21.99 5.58
CA THR B 9 4.05 22.22 7.03
C THR B 9 2.78 21.69 7.73
N ASN B 10 3.00 20.87 8.74
CA ASN B 10 1.93 20.27 9.53
C ASN B 10 2.36 20.44 10.98
N PHE B 11 1.50 20.04 11.91
CA PHE B 11 1.86 20.19 13.31
C PHE B 11 3.14 19.50 13.76
N ILE B 12 3.44 18.33 13.20
CA ILE B 12 4.65 17.67 13.61
C ILE B 12 5.80 18.54 13.17
N ARG B 13 5.73 19.06 11.96
CA ARG B 13 6.81 19.91 11.47
C ARG B 13 6.85 21.20 12.24
N GLN B 14 5.68 21.68 12.62
CA GLN B 14 5.59 22.91 13.39
C GLN B 14 6.33 22.73 14.71
N ILE B 15 6.19 21.54 15.29
CA ILE B 15 6.88 21.23 16.52
C ILE B 15 8.37 21.13 16.24
N ILE B 16 8.70 20.66 15.04
CA ILE B 16 10.09 20.50 14.68
C ILE B 16 10.82 21.82 14.54
N ASP B 17 10.16 22.83 13.99
CA ASP B 17 10.79 24.14 13.83
C ASP B 17 11.02 24.75 15.21
N GLU B 18 10.04 24.56 16.09
CA GLU B 18 10.12 25.09 17.44
C GLU B 18 11.26 24.40 18.18
N ASP B 19 11.26 23.07 18.21
CA ASP B 19 12.33 22.34 18.88
C ASP B 19 13.67 22.76 18.33
N LEU B 20 13.65 23.29 17.11
CA LEU B 20 14.86 23.76 16.48
C LEU B 20 15.26 25.08 17.11
N ALA B 21 14.50 26.14 16.82
CA ALA B 21 14.78 27.49 17.33
C ALA B 21 15.17 27.54 18.82
N SER B 22 14.42 26.86 19.67
CA SER B 22 14.71 26.84 21.08
C SER B 22 16.10 26.29 21.23
N GLY B 23 16.40 25.27 20.45
CA GLY B 23 17.70 24.64 20.51
C GLY B 23 17.58 23.37 21.31
N LYS B 24 16.35 22.87 21.43
CA LYS B 24 16.07 21.62 22.15
C LYS B 24 16.80 20.53 21.38
N HIS B 25 16.95 20.77 20.09
CA HIS B 25 17.63 19.84 19.22
C HIS B 25 18.41 20.65 18.21
N THR B 26 19.30 19.98 17.51
CA THR B 26 20.05 20.64 16.47
C THR B 26 19.65 20.02 15.12
N THR B 27 19.69 18.69 15.04
CA THR B 27 19.33 17.98 13.82
C THR B 27 18.17 17.08 14.12
N VAL B 28 17.32 16.83 13.13
CA VAL B 28 16.22 15.96 13.41
C VAL B 28 16.71 14.59 13.02
N HIS B 29 16.16 13.56 13.63
CA HIS B 29 16.54 12.20 13.32
C HIS B 29 15.28 11.36 13.56
N THR B 30 14.59 11.04 12.49
CA THR B 30 13.33 10.31 12.59
C THR B 30 13.57 8.85 12.31
N ARG B 31 12.49 8.05 12.27
CA ARG B 31 12.58 6.61 11.93
C ARG B 31 11.24 5.96 11.49
N PHE B 32 11.32 4.92 10.67
CA PHE B 32 10.15 4.19 10.23
C PHE B 32 10.30 2.79 10.87
N PRO B 33 9.43 2.43 11.83
CA PRO B 33 9.62 1.11 12.44
C PRO B 33 8.64 -0.01 12.13
N PRO B 34 8.38 -0.27 10.86
CA PRO B 34 7.46 -1.32 10.49
C PRO B 34 7.97 -2.67 10.96
N GLU B 35 7.07 -3.51 11.48
CA GLU B 35 7.40 -4.87 11.96
C GLU B 35 7.36 -5.72 10.71
N PRO B 36 8.24 -6.71 10.59
CA PRO B 36 8.14 -7.49 9.37
C PRO B 36 7.13 -8.65 9.48
N ASN B 37 5.84 -8.32 9.44
CA ASN B 37 4.78 -9.32 9.50
C ASN B 37 3.75 -9.11 8.38
N GLY B 38 4.21 -8.69 7.21
CA GLY B 38 3.34 -8.44 6.07
C GLY B 38 3.96 -7.36 5.19
N TYR B 39 3.34 -6.99 4.07
CA TYR B 39 3.95 -5.95 3.25
C TYR B 39 3.47 -4.58 3.61
N LEU B 40 4.16 -3.59 3.07
CA LEU B 40 3.74 -2.23 3.34
C LEU B 40 2.51 -1.95 2.51
N HIS B 41 1.70 -1.00 2.96
CA HIS B 41 0.50 -0.57 2.25
C HIS B 41 0.44 0.94 2.27
N ILE B 42 -0.33 1.52 1.36
CA ILE B 42 -0.45 2.97 1.20
C ILE B 42 -0.33 3.73 2.50
N GLY B 43 -1.02 3.25 3.54
CA GLY B 43 -0.97 3.89 4.84
C GLY B 43 0.48 4.06 5.24
N HIS B 44 1.25 3.00 5.13
CA HIS B 44 2.65 3.09 5.47
C HIS B 44 3.25 4.20 4.64
N ALA B 45 2.96 4.23 3.35
CA ALA B 45 3.52 5.30 2.51
C ALA B 45 3.32 6.65 3.17
N LYS B 46 2.16 6.83 3.79
CA LYS B 46 1.86 8.06 4.51
C LYS B 46 2.92 8.18 5.60
N SER B 47 3.07 7.10 6.36
CA SER B 47 4.03 7.12 7.40
C SER B 47 5.43 7.27 6.84
N ILE B 48 5.68 6.69 5.67
CA ILE B 48 6.99 6.73 5.02
C ILE B 48 7.36 8.09 4.50
N CYS B 49 6.35 8.90 4.19
CA CYS B 49 6.64 10.23 3.71
C CYS B 49 6.94 11.10 4.89
N LEU B 50 6.10 11.01 5.92
CA LEU B 50 6.25 11.82 7.11
C LEU B 50 7.67 11.77 7.63
N ASN B 51 8.11 10.60 8.03
CA ASN B 51 9.44 10.45 8.60
C ASN B 51 10.60 10.63 7.62
N PHE B 52 10.49 10.14 6.38
CA PHE B 52 11.61 10.33 5.48
C PHE B 52 11.69 11.74 4.93
N GLY B 53 10.54 12.35 4.71
CA GLY B 53 10.48 13.71 4.19
C GLY B 53 10.92 14.75 5.20
N ILE B 54 10.46 14.63 6.43
CA ILE B 54 10.85 15.57 7.49
C ILE B 54 12.36 15.58 7.59
N ALA B 55 12.95 14.39 7.70
CA ALA B 55 14.39 14.26 7.79
C ALA B 55 15.14 14.92 6.63
N GLN B 56 14.83 14.57 5.39
CA GLN B 56 15.55 15.20 4.27
C GLN B 56 15.28 16.70 4.20
N ASP B 57 14.05 17.09 4.49
CA ASP B 57 13.70 18.49 4.47
C ASP B 57 14.48 19.26 5.54
N TYR B 58 14.95 18.59 6.57
CA TYR B 58 15.70 19.27 7.62
C TYR B 58 17.13 18.82 7.66
N LYS B 59 17.58 18.21 6.56
CA LYS B 59 18.95 17.73 6.49
C LYS B 59 19.22 16.90 7.74
N GLY B 60 18.35 15.93 7.96
CA GLY B 60 18.47 15.05 9.10
C GLY B 60 18.68 13.61 8.65
N GLN B 61 18.27 12.65 9.49
CA GLN B 61 18.42 11.25 9.17
C GLN B 61 17.21 10.49 9.68
N CYS B 62 16.76 9.55 8.86
CA CYS B 62 15.64 8.68 9.18
C CYS B 62 16.21 7.28 8.96
N ASN B 63 15.82 6.29 9.75
CA ASN B 63 16.39 4.96 9.50
C ASN B 63 15.25 4.05 9.34
N LEU B 64 15.56 2.87 8.85
CA LEU B 64 14.52 1.89 8.69
C LEU B 64 14.89 0.89 9.72
N ARG B 65 13.90 0.58 10.54
CA ARG B 65 14.08 -0.41 11.57
C ARG B 65 12.91 -1.41 11.51
N PHE B 66 13.22 -2.69 11.62
CA PHE B 66 12.18 -3.67 11.63
C PHE B 66 11.97 -3.98 13.12
N ASP B 67 10.80 -3.63 13.64
CA ASP B 67 10.49 -3.88 15.05
C ASP B 67 10.17 -5.36 15.14
N ASP B 68 11.21 -6.18 14.95
CA ASP B 68 11.09 -7.63 14.95
C ASP B 68 11.21 -8.25 16.33
N THR B 69 10.26 -7.97 17.20
CA THR B 69 10.33 -8.49 18.55
C THR B 69 9.53 -9.76 18.78
N ASN B 70 8.51 -9.98 17.95
CA ASN B 70 7.64 -11.15 18.07
C ASN B 70 8.04 -12.15 16.99
N PRO B 71 9.04 -12.97 17.27
CA PRO B 71 9.50 -13.95 16.30
C PRO B 71 8.40 -14.71 15.57
N VAL B 72 7.45 -15.22 16.33
CA VAL B 72 6.37 -16.06 15.78
C VAL B 72 5.50 -15.52 14.65
N LYS B 73 5.40 -14.20 14.51
CA LYS B 73 4.53 -13.65 13.48
C LYS B 73 5.27 -13.05 12.29
N GLU B 74 6.54 -12.77 12.47
CA GLU B 74 7.35 -12.15 11.43
C GLU B 74 7.99 -13.21 10.53
N ASP B 75 8.45 -12.78 9.35
CA ASP B 75 9.13 -13.64 8.37
C ASP B 75 10.10 -12.87 7.48
N ILE B 76 11.25 -13.48 7.19
CA ILE B 76 12.29 -12.86 6.38
C ILE B 76 11.74 -12.28 5.08
N GLU B 77 10.77 -12.95 4.47
CA GLU B 77 10.19 -12.48 3.22
C GLU B 77 9.76 -11.04 3.26
N TYR B 78 9.13 -10.66 4.37
CA TYR B 78 8.67 -9.29 4.50
C TYR B 78 9.80 -8.27 4.47
N VAL B 79 10.79 -8.40 5.37
CA VAL B 79 11.88 -7.43 5.43
C VAL B 79 12.53 -7.13 4.09
N GLU B 80 12.51 -8.11 3.20
CA GLU B 80 13.08 -7.94 1.87
C GLU B 80 12.17 -6.97 1.10
N SER B 81 10.86 -7.18 1.23
CA SER B 81 9.89 -6.34 0.52
C SER B 81 9.73 -4.95 1.10
N ILE B 82 9.67 -4.86 2.42
CA ILE B 82 9.54 -3.58 3.09
C ILE B 82 10.73 -2.72 2.65
N LYS B 83 11.89 -3.36 2.61
CA LYS B 83 13.10 -2.69 2.20
C LYS B 83 12.90 -2.15 0.78
N ASN B 84 12.35 -2.98 -0.10
CA ASN B 84 12.16 -2.54 -1.48
C ASN B 84 11.15 -1.42 -1.69
N ASP B 85 9.94 -1.60 -1.21
CA ASP B 85 8.93 -0.56 -1.38
C ASP B 85 9.45 0.78 -0.85
N VAL B 86 10.27 0.73 0.20
CA VAL B 86 10.79 1.97 0.77
C VAL B 86 11.64 2.67 -0.25
N GLU B 87 12.54 1.90 -0.85
CA GLU B 87 13.39 2.46 -1.86
C GLU B 87 12.48 2.88 -2.98
N TRP B 88 11.79 1.90 -3.55
CA TRP B 88 10.86 2.12 -4.65
C TRP B 88 10.05 3.43 -4.54
N LEU B 89 9.51 3.68 -3.34
CA LEU B 89 8.71 4.86 -3.12
C LEU B 89 9.50 6.10 -3.45
N GLY B 90 10.77 6.06 -3.10
CA GLY B 90 11.67 7.16 -3.37
C GLY B 90 12.53 7.61 -2.21
N PHE B 91 12.72 6.78 -1.21
CA PHE B 91 13.50 7.20 -0.05
C PHE B 91 14.62 6.31 0.32
N HIS B 92 15.66 6.92 0.89
CA HIS B 92 16.83 6.18 1.32
C HIS B 92 17.03 6.39 2.80
N TRP B 93 17.48 5.34 3.47
CA TRP B 93 17.69 5.43 4.89
C TRP B 93 19.08 5.78 5.31
N SER B 94 19.13 6.30 6.52
CA SER B 94 20.35 6.70 7.16
C SER B 94 21.10 5.43 7.53
N GLY B 95 22.36 5.39 7.16
CA GLY B 95 23.19 4.26 7.47
C GLY B 95 22.55 2.96 7.12
N ASN B 96 22.84 1.93 7.88
CA ASN B 96 22.28 0.62 7.61
C ASN B 96 20.89 0.44 8.11
N VAL B 97 20.36 -0.75 7.84
CA VAL B 97 19.04 -1.10 8.28
C VAL B 97 19.26 -1.57 9.68
N ARG B 98 18.49 -1.04 10.63
CA ARG B 98 18.64 -1.48 12.01
C ARG B 98 17.44 -2.33 12.33
N TYR B 99 17.69 -3.37 13.09
CA TYR B 99 16.65 -4.26 13.51
C TYR B 99 16.54 -4.13 15.02
N SER B 100 15.34 -4.24 15.56
CA SER B 100 15.22 -4.16 17.00
C SER B 100 16.05 -5.29 17.57
N SER B 101 16.09 -6.42 16.87
CA SER B 101 16.85 -7.56 17.34
C SER B 101 18.30 -7.21 17.53
N ASP B 102 18.77 -6.15 16.86
CA ASP B 102 20.16 -5.73 17.01
C ASP B 102 20.39 -5.31 18.46
N TYR B 103 19.33 -4.85 19.11
CA TYR B 103 19.41 -4.38 20.48
C TYR B 103 18.94 -5.41 21.49
N PHE B 104 18.85 -6.68 21.12
CA PHE B 104 18.36 -7.65 22.07
C PHE B 104 19.14 -7.69 23.37
N ASP B 105 20.46 -7.87 23.28
CA ASP B 105 21.25 -7.97 24.51
C ASP B 105 21.11 -6.68 25.25
N GLN B 106 21.06 -5.60 24.50
CA GLN B 106 20.88 -4.30 25.09
C GLN B 106 19.61 -4.28 25.96
N LEU B 107 18.49 -4.78 25.41
CA LEU B 107 17.24 -4.81 26.15
C LEU B 107 17.37 -5.66 27.40
N HIS B 108 18.12 -6.75 27.28
CA HIS B 108 18.34 -7.65 28.40
C HIS B 108 18.99 -6.93 29.55
N ALA B 109 20.11 -6.27 29.28
CA ALA B 109 20.82 -5.53 30.31
C ALA B 109 19.89 -4.57 30.96
N TYR B 110 19.14 -3.83 30.15
CA TYR B 110 18.19 -2.88 30.67
C TYR B 110 17.11 -3.52 31.53
N ALA B 111 16.61 -4.69 31.13
CA ALA B 111 15.60 -5.35 31.94
C ALA B 111 16.21 -5.57 33.34
N ILE B 112 17.48 -5.95 33.35
CA ILE B 112 18.21 -6.21 34.58
C ILE B 112 18.35 -4.91 35.37
N GLU B 113 18.70 -3.82 34.71
CA GLU B 113 18.81 -2.57 35.43
C GLU B 113 17.49 -2.29 36.17
N LEU B 114 16.35 -2.53 35.51
CA LEU B 114 15.08 -2.27 36.19
C LEU B 114 14.96 -3.24 37.37
N ILE B 115 15.28 -4.51 37.15
CA ILE B 115 15.16 -5.50 38.22
C ILE B 115 15.98 -5.08 39.43
N ASN B 116 17.26 -4.82 39.22
CA ASN B 116 18.16 -4.40 40.28
C ASN B 116 17.62 -3.16 40.95
N LYS B 117 17.17 -2.23 40.13
CA LYS B 117 16.61 -1.01 40.66
C LYS B 117 15.26 -1.35 41.34
N GLY B 118 14.84 -2.60 41.20
CA GLY B 118 13.60 -3.05 41.81
C GLY B 118 12.31 -2.67 41.09
N LEU B 119 12.40 -2.14 39.88
CA LEU B 119 11.22 -1.73 39.13
C LEU B 119 10.72 -2.75 38.08
N ALA B 120 11.07 -4.01 38.27
CA ALA B 120 10.64 -5.04 37.35
C ALA B 120 10.80 -6.35 38.11
N TYR B 121 9.97 -7.34 37.84
CA TYR B 121 10.05 -8.59 38.59
C TYR B 121 9.43 -9.74 37.82
N VAL B 122 9.82 -10.98 38.14
CA VAL B 122 9.29 -12.17 37.46
C VAL B 122 7.94 -12.55 38.05
N ASP B 123 6.87 -12.21 37.35
CA ASP B 123 5.54 -12.53 37.82
C ASP B 123 5.21 -13.88 37.29
N GLU B 124 4.43 -14.65 38.03
CA GLU B 124 4.09 -16.00 37.58
C GLU B 124 2.60 -16.29 37.38
N LEU B 125 1.80 -15.23 37.33
CA LEU B 125 0.37 -15.39 37.11
C LEU B 125 0.22 -15.96 35.72
N THR B 126 -0.53 -17.05 35.57
CA THR B 126 -0.73 -17.58 34.23
C THR B 126 -1.36 -16.43 33.45
N PRO B 127 -1.23 -16.44 32.13
CA PRO B 127 -1.81 -15.35 31.34
C PRO B 127 -3.22 -15.06 31.80
N GLU B 128 -4.05 -16.10 31.90
CA GLU B 128 -5.42 -15.92 32.35
C GLU B 128 -5.33 -15.07 33.62
N GLN B 129 -4.52 -15.52 34.57
CA GLN B 129 -4.38 -14.80 35.83
C GLN B 129 -4.01 -13.35 35.67
N ILE B 130 -2.90 -13.09 35.00
CA ILE B 130 -2.44 -11.72 34.81
C ILE B 130 -3.52 -10.75 34.36
N ARG B 131 -4.48 -11.25 33.57
CA ARG B 131 -5.58 -10.40 33.09
C ARG B 131 -6.55 -10.16 34.22
N GLU B 132 -6.94 -11.22 34.92
CA GLU B 132 -7.85 -11.07 36.05
C GLU B 132 -7.31 -10.02 37.03
N TYR B 133 -6.04 -10.10 37.40
CA TYR B 133 -5.52 -9.11 38.33
C TYR B 133 -5.50 -7.70 37.72
N ARG B 134 -5.47 -7.61 36.40
CA ARG B 134 -5.39 -6.32 35.74
C ARG B 134 -6.49 -5.33 36.06
N GLY B 135 -7.67 -5.83 36.42
CA GLY B 135 -8.79 -4.95 36.69
C GLY B 135 -9.44 -4.63 35.35
N THR B 136 -10.15 -3.51 35.26
CA THR B 136 -10.84 -3.13 34.01
C THR B 136 -10.75 -1.63 33.71
N LEU B 137 -11.39 -1.24 32.61
CA LEU B 137 -11.44 0.14 32.17
C LEU B 137 -12.04 1.03 33.26
N THR B 138 -12.60 0.43 34.32
CA THR B 138 -13.22 1.22 35.40
C THR B 138 -12.88 0.76 36.81
N GLN B 139 -12.23 -0.39 36.90
CA GLN B 139 -11.90 -0.95 38.19
C GLN B 139 -10.39 -1.21 38.19
N PRO B 140 -9.67 -0.57 39.10
CA PRO B 140 -8.22 -0.71 39.26
C PRO B 140 -7.72 -2.15 39.32
N GLY B 141 -6.44 -2.34 39.05
CA GLY B 141 -5.87 -3.67 39.09
C GLY B 141 -5.38 -4.05 40.48
N LYS B 142 -5.02 -5.32 40.67
CA LYS B 142 -4.54 -5.80 41.96
C LYS B 142 -3.15 -6.41 41.94
N ASN B 143 -2.26 -5.91 42.78
CA ASN B 143 -0.89 -6.41 42.89
C ASN B 143 -0.84 -7.91 42.93
N SER B 144 0.12 -8.48 42.22
CA SER B 144 0.28 -9.91 42.18
C SER B 144 1.04 -10.26 43.45
N PRO B 145 0.84 -11.48 43.95
CA PRO B 145 1.52 -11.92 45.17
C PRO B 145 3.03 -12.11 44.94
N TYR B 146 3.43 -12.11 43.67
CA TYR B 146 4.83 -12.28 43.30
C TYR B 146 5.49 -10.93 43.18
N ARG B 147 4.68 -9.93 42.91
CA ARG B 147 5.15 -8.58 42.73
C ARG B 147 6.34 -8.19 43.59
N ASP B 148 6.28 -8.44 44.89
CA ASP B 148 7.39 -8.02 45.72
C ASP B 148 8.53 -8.98 46.04
N ARG B 149 8.93 -9.81 45.09
CA ARG B 149 10.05 -10.71 45.33
C ARG B 149 11.30 -9.83 45.48
N SER B 150 12.37 -10.42 45.99
CA SER B 150 13.60 -9.66 46.18
C SER B 150 14.42 -9.59 44.91
N VAL B 151 15.22 -8.54 44.82
CA VAL B 151 16.05 -8.34 43.66
C VAL B 151 16.83 -9.61 43.36
N GLU B 152 17.30 -10.25 44.42
CA GLU B 152 18.06 -11.46 44.26
C GLU B 152 17.17 -12.54 43.62
N GLU B 153 15.93 -12.67 44.08
CA GLU B 153 15.01 -13.68 43.56
C GLU B 153 14.64 -13.40 42.12
N ASN B 154 14.46 -12.12 41.80
CA ASN B 154 14.09 -11.70 40.45
C ASN B 154 15.19 -11.95 39.44
N LEU B 155 16.42 -11.57 39.80
CA LEU B 155 17.56 -11.78 38.94
C LEU B 155 17.68 -13.28 38.69
N ALA B 156 17.60 -14.07 39.74
CA ALA B 156 17.71 -15.50 39.59
C ALA B 156 16.64 -15.99 38.63
N LEU B 157 15.37 -15.76 38.98
CA LEU B 157 14.28 -16.20 38.14
C LEU B 157 14.34 -15.71 36.69
N PHE B 158 14.63 -14.42 36.48
CA PHE B 158 14.72 -13.87 35.12
C PHE B 158 15.66 -14.75 34.32
N GLU B 159 16.87 -14.85 34.82
CA GLU B 159 17.88 -15.67 34.18
C GLU B 159 17.31 -17.04 33.82
N LYS B 160 16.51 -17.63 34.70
CA LYS B 160 15.95 -18.94 34.38
C LYS B 160 15.06 -18.83 33.17
N MET B 161 14.17 -17.84 33.15
CA MET B 161 13.28 -17.66 32.04
C MET B 161 14.13 -17.67 30.80
N ARG B 162 15.11 -16.77 30.83
CA ARG B 162 16.05 -16.58 29.76
C ARG B 162 16.82 -17.84 29.43
N ALA B 163 17.06 -18.68 30.44
CA ALA B 163 17.81 -19.93 30.23
C ALA B 163 16.85 -21.02 29.84
N GLY B 164 15.58 -20.65 29.69
CA GLY B 164 14.53 -21.57 29.30
C GLY B 164 14.08 -22.52 30.39
N GLY B 165 14.22 -22.12 31.64
CA GLY B 165 13.81 -22.97 32.74
C GLY B 165 12.30 -23.08 32.87
N PHE B 166 11.58 -22.13 32.27
CA PHE B 166 10.13 -22.10 32.32
C PHE B 166 9.55 -22.33 30.93
N GLU B 167 8.47 -23.11 30.86
CA GLU B 167 7.80 -23.38 29.60
C GLU B 167 7.15 -22.06 29.18
N GLU B 168 6.69 -21.99 27.93
CA GLU B 168 6.05 -20.79 27.43
C GLU B 168 4.89 -20.38 28.32
N GLY B 169 4.63 -19.09 28.41
CA GLY B 169 3.54 -18.62 29.24
C GLY B 169 3.63 -18.89 30.73
N LYS B 170 4.60 -19.70 31.17
CA LYS B 170 4.74 -20.01 32.59
C LYS B 170 5.40 -18.95 33.44
N ALA B 171 6.00 -17.95 32.81
CA ALA B 171 6.63 -16.86 33.54
C ALA B 171 6.80 -15.65 32.62
N CYS B 172 6.95 -14.48 33.23
CA CYS B 172 7.13 -13.25 32.47
C CYS B 172 7.82 -12.24 33.34
N LEU B 173 8.52 -11.28 32.72
CA LEU B 173 9.19 -10.25 33.49
C LEU B 173 8.28 -9.08 33.42
N ARG B 174 8.02 -8.45 34.55
CA ARG B 174 7.11 -7.33 34.58
C ARG B 174 7.63 -6.11 35.27
N ALA B 175 7.17 -4.94 34.84
CA ALA B 175 7.61 -3.75 35.49
C ALA B 175 6.75 -3.62 36.75
N LYS B 176 7.25 -2.89 37.73
CA LYS B 176 6.55 -2.69 38.99
C LYS B 176 6.13 -1.21 38.90
N ILE B 177 5.06 -0.96 38.16
CA ILE B 177 4.54 0.38 37.98
C ILE B 177 3.55 0.88 39.02
N ASP B 178 2.26 0.62 38.81
CA ASP B 178 1.16 1.07 39.70
C ASP B 178 -0.07 0.33 39.23
N MET B 179 -0.40 -0.78 39.86
CA MET B 179 -1.53 -1.59 39.42
C MET B 179 -2.91 -0.98 39.35
N ALA B 180 -3.04 0.24 39.86
CA ALA B 180 -4.32 0.91 39.87
C ALA B 180 -4.27 2.25 39.14
N SER B 181 -3.38 2.36 38.16
CA SER B 181 -3.24 3.58 37.36
C SER B 181 -4.35 3.56 36.33
N PRO B 182 -4.87 4.73 35.94
CA PRO B 182 -5.94 4.70 34.93
C PRO B 182 -5.42 4.26 33.55
N PHE B 183 -4.11 4.41 33.31
CA PHE B 183 -3.49 4.01 32.03
C PHE B 183 -3.30 2.51 32.08
N ILE B 184 -4.21 1.72 31.49
CA ILE B 184 -4.10 0.25 31.54
C ILE B 184 -2.68 -0.18 31.21
N VAL B 185 -2.01 0.61 30.40
CA VAL B 185 -0.67 0.23 30.02
C VAL B 185 0.31 0.23 31.20
N MET B 186 0.14 1.16 32.13
CA MET B 186 1.04 1.22 33.29
C MET B 186 0.73 0.17 34.35
N ARG B 187 -0.33 -0.62 34.15
CA ARG B 187 -0.69 -1.64 35.15
C ARG B 187 0.33 -2.79 35.08
N ASP B 188 1.56 -2.51 35.53
CA ASP B 188 2.65 -3.46 35.52
C ASP B 188 2.75 -4.14 34.19
N PRO B 189 3.05 -3.38 33.15
CA PRO B 189 3.17 -3.92 31.81
C PRO B 189 4.29 -4.93 31.78
N VAL B 190 4.11 -5.99 31.00
CA VAL B 190 5.10 -7.04 30.85
C VAL B 190 6.24 -6.53 30.00
N LEU B 191 7.46 -6.88 30.41
CA LEU B 191 8.69 -6.49 29.70
C LEU B 191 9.25 -7.59 28.81
N TYR B 192 9.36 -8.80 29.35
CA TYR B 192 9.85 -9.95 28.58
C TYR B 192 8.83 -11.08 28.66
N ARG B 193 8.94 -12.03 27.74
CA ARG B 193 8.05 -13.17 27.72
C ARG B 193 8.72 -14.35 27.01
N ILE B 194 8.33 -15.57 27.40
CA ILE B 194 8.89 -16.81 26.87
C ILE B 194 8.27 -17.31 25.58
N LYS B 195 9.11 -17.54 24.60
CA LYS B 195 8.71 -18.01 23.29
C LYS B 195 9.86 -18.80 22.74
N PHE B 196 9.68 -20.11 22.64
CA PHE B 196 10.72 -20.98 22.08
C PHE B 196 10.47 -21.06 20.57
N ALA B 197 10.73 -19.96 19.89
CA ALA B 197 10.52 -19.96 18.48
C ALA B 197 11.68 -19.22 17.87
N GLU B 198 12.27 -19.87 16.86
CA GLU B 198 13.41 -19.38 16.11
C GLU B 198 13.15 -17.99 15.53
N HIS B 199 14.01 -17.04 15.88
CA HIS B 199 13.84 -15.68 15.39
C HIS B 199 14.59 -15.54 14.09
N HIS B 200 13.95 -14.91 13.11
CA HIS B 200 14.54 -14.74 11.77
C HIS B 200 15.88 -14.06 11.59
N GLN B 201 16.46 -13.54 12.68
CA GLN B 201 17.74 -12.85 12.64
C GLN B 201 18.71 -13.40 13.67
N THR B 202 18.20 -13.88 14.80
CA THR B 202 19.05 -14.42 15.84
C THR B 202 18.90 -15.94 15.94
N GLY B 203 18.04 -16.50 15.10
CA GLY B 203 17.81 -17.92 15.15
C GLY B 203 17.32 -18.29 16.54
N ASN B 204 18.00 -19.26 17.16
CA ASN B 204 17.63 -19.72 18.48
C ASN B 204 18.47 -19.23 19.64
N LYS B 205 19.09 -18.08 19.47
CA LYS B 205 19.91 -17.58 20.56
C LYS B 205 18.97 -17.07 21.65
N TRP B 206 17.72 -16.83 21.29
CA TRP B 206 16.80 -16.30 22.28
C TRP B 206 15.54 -17.09 22.53
N CYS B 207 15.25 -17.27 23.83
CA CYS B 207 14.04 -17.99 24.23
C CYS B 207 13.05 -17.01 24.84
N ILE B 208 13.54 -15.86 25.29
CA ILE B 208 12.67 -14.82 25.86
C ILE B 208 12.74 -13.56 25.00
N TYR B 209 11.59 -13.05 24.59
CA TYR B 209 11.58 -11.86 23.76
C TYR B 209 11.08 -10.69 24.52
N PRO B 210 11.51 -9.49 24.12
CA PRO B 210 11.07 -8.28 24.80
C PRO B 210 9.78 -7.79 24.15
N MET B 211 9.01 -7.02 24.92
CA MET B 211 7.74 -6.49 24.45
C MET B 211 7.97 -5.19 23.67
N TYR B 212 7.03 -4.82 22.81
CA TYR B 212 7.15 -3.61 22.01
C TYR B 212 7.38 -2.37 22.85
N ASP B 213 6.49 -2.10 23.79
CA ASP B 213 6.64 -0.92 24.62
C ASP B 213 8.05 -0.81 25.20
N PHE B 214 8.58 -1.92 25.65
CA PHE B 214 9.93 -1.92 26.20
C PHE B 214 10.94 -1.64 25.06
N THR B 215 10.95 -2.51 24.05
CA THR B 215 11.83 -2.42 22.89
C THR B 215 11.88 -1.09 22.18
N HIS B 216 10.70 -0.59 21.88
CA HIS B 216 10.60 0.64 21.14
C HIS B 216 11.20 1.89 21.71
N CYS B 217 10.96 2.19 22.98
CA CYS B 217 11.50 3.42 23.51
C CYS B 217 13.00 3.33 23.56
N ILE B 218 13.50 2.19 23.99
CA ILE B 218 14.94 2.03 24.07
C ILE B 218 15.64 2.13 22.70
N SER B 219 15.16 1.37 21.70
CA SER B 219 15.74 1.42 20.36
C SER B 219 15.85 2.88 19.90
N ASP B 220 14.74 3.61 19.93
CA ASP B 220 14.77 5.01 19.56
C ASP B 220 15.90 5.71 20.29
N ALA B 221 15.95 5.59 21.61
CA ALA B 221 16.98 6.25 22.40
C ALA B 221 18.35 5.85 21.97
N LEU B 222 18.62 4.54 22.02
CA LEU B 222 19.91 4.02 21.61
C LEU B 222 20.22 4.37 20.17
N GLU B 223 19.23 4.80 19.40
CA GLU B 223 19.49 5.18 18.01
C GLU B 223 19.74 6.67 17.87
N GLY B 224 19.20 7.45 18.79
CA GLY B 224 19.39 8.89 18.75
C GLY B 224 18.22 9.61 18.12
N ILE B 225 17.06 8.96 18.13
CA ILE B 225 15.87 9.52 17.54
C ILE B 225 15.41 10.81 18.22
N THR B 226 15.05 11.81 17.43
CA THR B 226 14.60 13.07 17.99
C THR B 226 13.09 13.19 18.05
N HIS B 227 12.38 12.42 17.23
CA HIS B 227 10.91 12.46 17.20
C HIS B 227 10.31 11.13 16.80
N SER B 228 9.97 10.30 17.77
CA SER B 228 9.35 9.03 17.45
C SER B 228 7.97 9.43 16.95
N LEU B 229 7.68 9.18 15.67
CA LEU B 229 6.39 9.56 15.11
C LEU B 229 5.47 8.36 14.88
N CYS B 230 4.31 8.34 15.52
CA CYS B 230 3.42 7.21 15.32
C CYS B 230 1.97 7.57 15.20
N THR B 231 1.16 6.53 15.04
CA THR B 231 -0.26 6.70 14.89
C THR B 231 -0.91 6.75 16.24
N LEU B 232 -2.11 7.32 16.29
CA LEU B 232 -2.80 7.49 17.54
C LEU B 232 -2.97 6.34 18.52
N GLU B 233 -3.12 5.09 18.08
CA GLU B 233 -3.29 4.01 19.06
C GLU B 233 -2.24 4.10 20.16
N PHE B 234 -1.02 4.44 19.76
CA PHE B 234 0.11 4.55 20.69
C PHE B 234 0.16 5.78 21.57
N GLN B 235 -0.95 6.46 21.77
CA GLN B 235 -0.92 7.63 22.61
C GLN B 235 -0.85 7.25 24.09
N ASP B 236 -1.63 6.26 24.48
CA ASP B 236 -1.62 5.81 25.86
C ASP B 236 -0.21 5.34 26.09
N ASN B 237 0.27 4.53 25.16
CA ASN B 237 1.60 3.96 25.22
C ASN B 237 2.72 4.96 25.42
N ARG B 238 2.45 6.24 25.21
CA ARG B 238 3.49 7.23 25.41
C ARG B 238 3.89 7.25 26.88
N ARG B 239 2.93 6.96 27.75
CA ARG B 239 3.17 6.94 29.19
C ARG B 239 4.29 5.99 29.55
N LEU B 240 4.24 4.77 29.01
CA LEU B 240 5.25 3.76 29.30
C LEU B 240 6.53 3.96 28.50
N TYR B 241 6.43 4.73 27.42
CA TYR B 241 7.58 5.00 26.58
C TYR B 241 8.47 5.85 27.46
N ASP B 242 7.88 6.87 28.07
CA ASP B 242 8.64 7.74 28.93
C ASP B 242 9.08 7.05 30.24
N TRP B 243 8.23 6.22 30.83
CA TRP B 243 8.59 5.55 32.08
C TRP B 243 9.88 4.77 31.91
N VAL B 244 9.87 3.82 30.98
CA VAL B 244 11.03 3.00 30.74
C VAL B 244 12.26 3.89 30.58
N LEU B 245 12.16 4.88 29.70
CA LEU B 245 13.30 5.78 29.47
C LEU B 245 13.62 6.55 30.72
N ASP B 246 12.59 6.97 31.41
CA ASP B 246 12.76 7.73 32.64
C ASP B 246 13.28 6.88 33.78
N ASN B 247 13.52 5.59 33.54
CA ASN B 247 14.02 4.72 34.59
C ASN B 247 15.14 3.77 34.24
N ILE B 248 16.09 4.23 33.43
CA ILE B 248 17.23 3.42 33.03
C ILE B 248 18.34 4.37 32.65
N THR B 249 19.58 3.93 32.80
CA THR B 249 20.70 4.77 32.48
C THR B 249 20.95 4.82 31.00
N ILE B 250 20.27 5.75 30.34
CA ILE B 250 20.38 5.97 28.90
C ILE B 250 20.41 7.51 28.76
N PRO B 251 21.36 8.05 27.97
CA PRO B 251 21.59 9.47 27.72
C PRO B 251 20.70 10.41 26.89
N VAL B 252 19.68 9.93 26.20
CA VAL B 252 18.80 10.82 25.45
C VAL B 252 17.41 10.38 25.68
N HIS B 253 16.44 11.20 25.29
CA HIS B 253 15.03 10.85 25.51
C HIS B 253 14.16 11.44 24.40
N PRO B 254 14.00 10.71 23.29
CA PRO B 254 13.20 11.16 22.17
C PRO B 254 11.76 11.36 22.60
N ARG B 255 11.25 12.53 22.29
CA ARG B 255 9.87 12.88 22.58
C ARG B 255 9.04 12.24 21.46
N GLN B 256 7.80 11.85 21.78
CA GLN B 256 6.94 11.21 20.79
C GLN B 256 5.72 12.04 20.41
N TYR B 257 5.37 12.03 19.13
CA TYR B 257 4.20 12.75 18.68
C TYR B 257 3.47 11.79 17.78
N GLU B 258 2.16 11.64 17.97
CA GLU B 258 1.33 10.74 17.16
C GLU B 258 0.47 11.51 16.20
N PHE B 259 -0.06 10.79 15.20
CA PHE B 259 -0.95 11.39 14.19
C PHE B 259 -1.93 10.35 13.66
N SER B 260 -2.93 10.84 12.94
CA SER B 260 -3.99 10.02 12.38
C SER B 260 -3.51 9.05 11.32
N ARG B 261 -4.13 7.87 11.26
CA ARG B 261 -3.72 6.92 10.25
C ARG B 261 -4.59 6.97 9.02
N LEU B 262 -3.98 6.68 7.88
CA LEU B 262 -4.72 6.68 6.64
C LEU B 262 -5.78 5.60 6.60
N ASN B 263 -6.97 5.98 6.15
CA ASN B 263 -8.10 5.09 5.97
C ASN B 263 -8.61 5.35 4.58
N LEU B 264 -8.77 4.30 3.78
CA LEU B 264 -9.25 4.51 2.42
C LEU B 264 -10.58 3.88 2.22
N GLU B 265 -11.46 4.55 1.47
CA GLU B 265 -12.77 3.98 1.21
C GLU B 265 -12.70 2.77 0.32
N TYR B 266 -13.51 1.77 0.65
CA TYR B 266 -13.57 0.55 -0.14
C TYR B 266 -12.38 -0.37 -0.04
N THR B 267 -11.66 -0.30 1.08
CA THR B 267 -10.53 -1.19 1.26
C THR B 267 -10.02 -1.20 2.69
N VAL B 268 -9.82 -2.41 3.21
CA VAL B 268 -9.27 -2.57 4.54
C VAL B 268 -7.80 -2.21 4.39
N MET B 269 -7.10 -2.04 5.50
CA MET B 269 -5.70 -1.64 5.45
C MET B 269 -4.83 -2.21 6.58
N SER B 270 -5.41 -3.11 7.36
CA SER B 270 -4.69 -3.70 8.44
C SER B 270 -3.80 -4.79 7.88
N LYS B 271 -2.51 -4.76 8.20
CA LYS B 271 -1.58 -5.78 7.75
C LYS B 271 -2.15 -7.19 8.04
N ARG B 272 -3.20 -7.27 8.85
CA ARG B 272 -3.81 -8.56 9.13
C ARG B 272 -4.91 -8.90 8.11
N LYS B 273 -5.90 -8.03 7.97
CA LYS B 273 -6.98 -8.31 7.03
C LYS B 273 -6.45 -8.46 5.61
N LEU B 274 -5.44 -7.66 5.27
CA LEU B 274 -4.82 -7.74 3.95
C LEU B 274 -4.25 -9.12 3.95
N ASN B 275 -3.57 -9.43 5.03
CA ASN B 275 -2.97 -10.72 5.17
C ASN B 275 -4.04 -11.80 4.99
N LEU B 276 -5.27 -11.54 5.40
CA LEU B 276 -6.30 -12.56 5.26
C LEU B 276 -6.77 -12.80 3.82
N LEU B 277 -6.83 -11.74 3.02
CA LEU B 277 -7.23 -11.93 1.62
C LEU B 277 -6.20 -12.83 0.93
N VAL B 278 -4.95 -12.65 1.34
CA VAL B 278 -3.83 -13.40 0.78
C VAL B 278 -3.80 -14.87 1.12
N THR B 279 -3.94 -15.20 2.41
CA THR B 279 -3.91 -16.58 2.91
C THR B 279 -5.07 -17.42 2.43
N ASP B 280 -6.27 -16.85 2.48
CA ASP B 280 -7.45 -17.56 2.03
C ASP B 280 -7.66 -17.37 0.55
N LYS B 281 -6.59 -17.02 -0.15
CA LYS B 281 -6.56 -16.87 -1.59
C LYS B 281 -7.64 -16.05 -2.35
N HIS B 282 -8.26 -15.07 -1.70
CA HIS B 282 -9.28 -14.29 -2.39
C HIS B 282 -8.70 -13.23 -3.33
N VAL B 283 -7.38 -13.14 -3.37
CA VAL B 283 -6.66 -12.20 -4.23
C VAL B 283 -5.43 -12.95 -4.73
N GLU B 284 -4.83 -12.47 -5.83
CA GLU B 284 -3.65 -13.12 -6.40
C GLU B 284 -2.52 -13.15 -5.37
N GLY B 285 -2.21 -12.01 -4.76
CA GLY B 285 -1.16 -11.99 -3.74
C GLY B 285 -1.12 -10.68 -3.00
N TRP B 286 -0.14 -10.51 -2.11
CA TRP B 286 0.00 -9.27 -1.35
C TRP B 286 0.04 -8.16 -2.40
N ASP B 287 0.64 -8.49 -3.53
CA ASP B 287 0.79 -7.57 -4.62
C ASP B 287 -0.28 -7.69 -5.70
N ASP B 288 -1.39 -8.39 -5.43
CA ASP B 288 -2.45 -8.48 -6.43
C ASP B 288 -2.76 -7.03 -6.74
N PRO B 289 -2.98 -6.72 -8.00
CA PRO B 289 -3.26 -5.33 -8.34
C PRO B 289 -4.43 -4.62 -7.71
N ARG B 290 -5.28 -5.33 -6.95
CA ARG B 290 -6.46 -4.72 -6.32
C ARG B 290 -6.20 -4.27 -4.89
N MET B 291 -5.03 -4.64 -4.37
CA MET B 291 -4.65 -4.33 -3.00
C MET B 291 -4.19 -2.90 -2.75
N PRO B 292 -4.26 -2.48 -1.48
CA PRO B 292 -3.87 -1.14 -1.07
C PRO B 292 -2.37 -1.11 -0.78
N THR B 293 -1.74 -2.28 -0.81
CA THR B 293 -0.30 -2.44 -0.56
C THR B 293 0.46 -1.64 -1.60
N ILE B 294 1.71 -1.30 -1.31
CA ILE B 294 2.55 -0.57 -2.26
C ILE B 294 2.85 -1.54 -3.41
N SER B 295 3.42 -2.70 -3.08
CA SER B 295 3.75 -3.73 -4.07
C SER B 295 2.61 -3.80 -5.07
N GLY B 296 1.39 -3.88 -4.55
CA GLY B 296 0.22 -3.92 -5.43
C GLY B 296 0.04 -2.63 -6.21
N LEU B 297 -0.19 -1.51 -5.53
CA LEU B 297 -0.37 -0.22 -6.19
C LEU B 297 0.62 -0.06 -7.32
N ARG B 298 1.83 -0.60 -7.15
CA ARG B 298 2.86 -0.52 -8.17
C ARG B 298 2.47 -1.36 -9.38
N ARG B 299 2.21 -2.64 -9.14
CA ARG B 299 1.84 -3.56 -10.20
C ARG B 299 0.58 -3.03 -10.87
N ARG B 300 -0.22 -2.31 -10.10
CA ARG B 300 -1.45 -1.75 -10.60
C ARG B 300 -1.08 -0.66 -11.58
N GLY B 301 0.08 -0.08 -11.37
CA GLY B 301 0.54 0.96 -12.25
C GLY B 301 0.60 2.32 -11.60
N TYR B 302 0.78 2.36 -10.28
CA TYR B 302 0.90 3.66 -9.62
C TYR B 302 2.35 4.13 -9.65
N THR B 303 2.53 5.42 -9.92
CA THR B 303 3.87 5.97 -9.96
C THR B 303 4.22 6.42 -8.56
N ALA B 304 5.40 6.05 -8.08
CA ALA B 304 5.86 6.44 -6.75
C ALA B 304 5.43 7.87 -6.42
N ALA B 305 5.56 8.75 -7.39
CA ALA B 305 5.17 10.14 -7.22
C ALA B 305 3.71 10.30 -6.87
N SER B 306 2.81 9.68 -7.64
CA SER B 306 1.37 9.81 -7.37
C SER B 306 1.07 9.44 -5.94
N ILE B 307 1.78 8.44 -5.43
CA ILE B 307 1.62 8.02 -4.05
C ILE B 307 2.21 9.10 -3.16
N ARG B 308 3.42 9.53 -3.46
CA ARG B 308 4.04 10.59 -2.70
C ARG B 308 3.22 11.87 -2.81
N GLU B 309 2.42 11.99 -3.84
CA GLU B 309 1.64 13.20 -3.97
C GLU B 309 0.48 13.04 -3.03
N PHE B 310 -0.21 11.90 -3.15
CA PHE B 310 -1.38 11.57 -2.35
C PHE B 310 -1.01 11.92 -0.93
N CYS B 311 0.10 11.32 -0.49
CA CYS B 311 0.61 11.51 0.84
C CYS B 311 0.75 12.99 1.15
N LYS B 312 1.22 13.77 0.19
CA LYS B 312 1.38 15.17 0.43
C LYS B 312 0.03 15.87 0.54
N ARG B 313 -0.91 15.48 -0.31
CA ARG B 313 -2.24 16.10 -0.34
C ARG B 313 -3.19 15.86 0.83
N ILE B 314 -2.92 14.88 1.68
CA ILE B 314 -3.84 14.60 2.76
C ILE B 314 -3.39 15.06 4.14
N GLY B 315 -2.22 15.70 4.20
CA GLY B 315 -1.69 16.20 5.46
C GLY B 315 -1.37 15.14 6.52
N VAL B 316 -1.11 15.58 7.75
CA VAL B 316 -0.82 14.72 8.90
C VAL B 316 -1.50 15.46 10.05
N THR B 317 -2.59 14.91 10.56
CA THR B 317 -3.29 15.61 11.62
C THR B 317 -3.70 14.65 12.71
N LYS B 318 -4.29 15.17 13.78
CA LYS B 318 -4.72 14.30 14.84
C LYS B 318 -6.15 13.94 14.62
N GLN B 319 -6.70 14.38 13.50
CA GLN B 319 -8.09 14.10 13.16
C GLN B 319 -8.29 12.74 12.52
N ASP B 320 -9.42 12.10 12.82
CA ASP B 320 -9.75 10.80 12.21
C ASP B 320 -10.12 11.12 10.75
N ASN B 321 -9.78 10.22 9.83
CA ASN B 321 -10.02 10.47 8.41
C ASN B 321 -10.20 9.21 7.61
N THR B 322 -10.84 9.38 6.45
CA THR B 322 -11.10 8.31 5.51
C THR B 322 -11.07 8.90 4.11
N ILE B 323 -9.95 8.77 3.42
CA ILE B 323 -9.81 9.31 2.09
C ILE B 323 -10.65 8.56 1.07
N GLU B 324 -11.28 9.32 0.18
CA GLU B 324 -12.10 8.72 -0.86
C GLU B 324 -11.13 8.22 -1.93
N MET B 325 -11.63 7.36 -2.82
CA MET B 325 -10.82 6.82 -3.89
C MET B 325 -10.43 7.91 -4.87
N ALA B 326 -11.39 8.73 -5.26
CA ALA B 326 -11.15 9.80 -6.20
C ALA B 326 -9.93 10.64 -5.88
N SER B 327 -9.48 10.60 -4.63
CA SER B 327 -8.29 11.34 -4.27
C SER B 327 -7.13 10.57 -4.86
N LEU B 328 -6.91 9.37 -4.35
CA LEU B 328 -5.83 8.53 -4.85
C LEU B 328 -5.88 8.46 -6.36
N GLU B 329 -7.09 8.46 -6.89
CA GLU B 329 -7.29 8.38 -8.33
C GLU B 329 -6.81 9.62 -9.00
N SER B 330 -7.33 10.76 -8.58
CA SER B 330 -6.95 12.03 -9.15
C SER B 330 -5.46 12.08 -9.30
N CYS B 331 -4.75 11.56 -8.31
CA CYS B 331 -3.30 11.58 -8.32
C CYS B 331 -2.62 10.88 -9.45
N ILE B 332 -2.89 9.59 -9.62
CA ILE B 332 -2.26 8.85 -10.72
C ILE B 332 -2.57 9.53 -12.02
N ARG B 333 -3.83 9.96 -12.18
CA ARG B 333 -4.27 10.64 -13.39
C ARG B 333 -3.46 11.88 -13.67
N GLU B 334 -3.33 12.76 -12.69
CA GLU B 334 -2.54 13.97 -12.88
C GLU B 334 -1.17 13.59 -13.45
N ASP B 335 -0.54 12.59 -12.87
CA ASP B 335 0.77 12.17 -13.34
C ASP B 335 0.67 11.65 -14.76
N LEU B 336 -0.01 10.53 -14.91
CA LEU B 336 -0.15 9.87 -16.22
C LEU B 336 -0.71 10.71 -17.36
N ASN B 337 -1.72 11.52 -17.09
CA ASN B 337 -2.28 12.35 -18.13
C ASN B 337 -1.16 13.14 -18.77
N GLU B 338 -0.25 13.62 -17.94
CA GLU B 338 0.85 14.42 -18.44
C GLU B 338 2.02 13.62 -19.03
N ASN B 339 2.20 12.35 -18.64
CA ASN B 339 3.35 11.60 -19.15
C ASN B 339 3.09 10.44 -20.08
N ALA B 340 2.05 9.68 -19.83
CA ALA B 340 1.76 8.54 -20.66
C ALA B 340 1.33 8.92 -22.07
N PRO B 341 1.98 8.29 -23.04
CA PRO B 341 1.72 8.51 -24.46
C PRO B 341 0.51 7.65 -24.73
N ARG B 342 -0.40 8.19 -25.54
CA ARG B 342 -1.63 7.51 -25.86
C ARG B 342 -1.41 6.37 -26.84
N ALA B 343 -2.34 5.43 -26.89
CA ALA B 343 -2.24 4.29 -27.79
C ALA B 343 -3.66 3.91 -28.13
N MET B 344 -3.80 2.82 -28.86
CA MET B 344 -5.11 2.38 -29.29
C MET B 344 -5.44 1.02 -28.80
N ALA B 345 -6.55 0.91 -28.11
CA ALA B 345 -6.97 -0.38 -27.64
C ALA B 345 -8.47 -0.43 -27.72
N VAL B 346 -8.99 -1.63 -27.95
CA VAL B 346 -10.43 -1.82 -28.05
C VAL B 346 -10.70 -2.99 -27.11
N ILE B 347 -11.42 -2.71 -26.02
CA ILE B 347 -11.74 -3.69 -24.98
C ILE B 347 -12.85 -4.68 -25.39
N ASP B 348 -13.98 -4.16 -25.87
CA ASP B 348 -15.03 -5.04 -26.35
C ASP B 348 -14.98 -4.89 -27.86
N PRO B 349 -14.88 -6.00 -28.59
CA PRO B 349 -14.81 -5.74 -30.02
C PRO B 349 -15.81 -6.42 -30.96
N VAL B 350 -16.36 -5.61 -31.85
CA VAL B 350 -17.30 -6.09 -32.84
C VAL B 350 -16.61 -5.69 -34.15
N LYS B 351 -16.61 -6.61 -35.14
CA LYS B 351 -15.94 -6.34 -36.42
C LYS B 351 -16.61 -5.29 -37.30
N LEU B 352 -15.85 -4.32 -37.78
CA LEU B 352 -16.41 -3.31 -38.65
C LEU B 352 -15.69 -3.33 -40.00
N VAL B 353 -16.45 -3.66 -41.03
CA VAL B 353 -16.00 -3.77 -42.43
C VAL B 353 -16.36 -2.59 -43.34
N ILE B 354 -15.35 -1.82 -43.76
CA ILE B 354 -15.58 -0.71 -44.68
C ILE B 354 -15.52 -1.32 -46.10
N GLU B 355 -16.68 -1.68 -46.64
CA GLU B 355 -16.75 -2.26 -47.98
C GLU B 355 -16.25 -1.30 -49.07
N ASN B 356 -16.27 0.00 -48.77
CA ASN B 356 -15.80 1.02 -49.70
C ASN B 356 -14.28 1.07 -49.73
N TYR B 357 -13.63 0.27 -48.89
CA TYR B 357 -12.17 0.23 -48.82
C TYR B 357 -11.54 -0.80 -49.75
N GLN B 358 -10.80 -0.33 -50.75
CA GLN B 358 -10.14 -1.25 -51.66
C GLN B 358 -8.66 -1.27 -51.25
N GLY B 359 -8.07 -2.47 -51.21
CA GLY B 359 -6.67 -2.57 -50.84
C GLY B 359 -6.39 -3.49 -49.67
N GLU B 360 -5.21 -3.31 -49.07
CA GLU B 360 -4.77 -4.14 -47.94
C GLU B 360 -4.29 -3.31 -46.76
N GLY B 361 -4.63 -2.03 -46.77
CA GLY B 361 -4.22 -1.16 -45.69
C GLY B 361 -3.34 -0.04 -46.23
N GLU B 362 -2.81 0.76 -45.31
CA GLU B 362 -1.92 1.87 -45.63
C GLU B 362 -1.17 2.17 -44.35
N MET B 363 -1.15 3.43 -43.91
CA MET B 363 -0.42 3.76 -42.68
C MET B 363 -0.80 5.14 -42.12
N VAL B 364 -1.57 5.13 -41.05
CA VAL B 364 -1.99 6.37 -40.41
C VAL B 364 -1.06 6.84 -39.27
N THR B 365 -0.72 8.13 -39.31
CA THR B 365 0.16 8.76 -38.34
C THR B 365 -0.62 9.22 -37.15
N MET B 366 -0.28 8.72 -35.96
CA MET B 366 -0.96 9.12 -34.71
C MET B 366 0.04 9.73 -33.72
N PRO B 367 -0.37 10.74 -32.93
CA PRO B 367 0.61 11.31 -31.99
C PRO B 367 0.76 10.48 -30.74
N ASN B 368 1.93 10.60 -30.12
CA ASN B 368 2.19 9.88 -28.88
C ASN B 368 1.52 10.68 -27.79
N HIS B 369 1.50 12.00 -27.94
CA HIS B 369 0.83 12.84 -26.96
C HIS B 369 0.30 14.10 -27.63
N PRO B 370 -1.03 14.17 -27.84
CA PRO B 370 -1.81 15.24 -28.46
C PRO B 370 -1.63 16.65 -27.90
N ASN B 371 -1.56 16.80 -26.59
CA ASN B 371 -1.36 18.13 -26.03
C ASN B 371 0.11 18.41 -25.84
N LYS B 372 0.94 17.50 -26.34
CA LYS B 372 2.37 17.66 -26.21
C LYS B 372 3.03 16.93 -27.38
N PRO B 373 3.10 17.58 -28.56
CA PRO B 373 3.74 16.89 -29.70
C PRO B 373 5.20 16.54 -29.42
N GLU B 374 5.77 17.15 -28.37
CA GLU B 374 7.15 16.92 -27.98
C GLU B 374 7.54 15.45 -27.97
N MET B 375 6.57 14.58 -27.70
CA MET B 375 6.81 13.14 -27.67
C MET B 375 6.65 12.49 -29.05
N GLY B 376 6.75 13.31 -30.10
CA GLY B 376 6.64 12.81 -31.46
C GLY B 376 5.40 12.03 -31.84
N SER B 377 5.48 11.41 -33.02
CA SER B 377 4.37 10.63 -33.59
C SER B 377 4.78 9.25 -34.11
N ARG B 378 3.84 8.33 -34.07
CA ARG B 378 4.10 6.96 -34.51
C ARG B 378 3.30 6.61 -35.75
N GLN B 379 3.58 5.42 -36.25
CA GLN B 379 2.93 4.92 -37.45
C GLN B 379 2.10 3.69 -37.13
N VAL B 380 0.81 3.78 -37.45
CA VAL B 380 -0.12 2.69 -37.20
C VAL B 380 -0.89 2.28 -38.45
N PRO B 381 -0.99 0.96 -38.70
CA PRO B 381 -1.67 0.32 -39.83
C PRO B 381 -3.18 0.50 -39.94
N PHE B 382 -3.64 1.34 -40.86
CA PHE B 382 -5.07 1.55 -41.06
C PHE B 382 -5.62 0.55 -42.10
N SER B 383 -6.87 0.14 -41.95
CA SER B 383 -7.48 -0.80 -42.89
C SER B 383 -8.98 -0.61 -43.06
N GLY B 384 -9.62 -1.62 -43.66
CA GLY B 384 -11.06 -1.57 -43.89
C GLY B 384 -11.80 -2.74 -43.25
N GLU B 385 -11.08 -3.53 -42.47
CA GLU B 385 -11.66 -4.67 -41.76
C GLU B 385 -11.15 -4.51 -40.34
N ILE B 386 -11.53 -3.38 -39.77
CA ILE B 386 -11.10 -3.00 -38.46
C ILE B 386 -12.00 -3.50 -37.35
N TRP B 387 -11.62 -3.14 -36.12
CA TRP B 387 -12.34 -3.47 -34.90
C TRP B 387 -12.74 -2.13 -34.25
N ILE B 388 -13.68 -2.22 -33.32
CA ILE B 388 -14.12 -1.07 -32.53
C ILE B 388 -14.73 -1.60 -31.26
N ASP B 389 -14.97 -0.68 -30.32
CA ASP B 389 -15.58 -1.05 -29.06
C ASP B 389 -17.07 -1.06 -29.29
N ARG B 390 -17.73 -2.19 -28.99
CA ARG B 390 -19.16 -2.32 -29.16
C ARG B 390 -19.95 -1.10 -28.72
N ALA B 391 -19.62 -0.57 -27.54
CA ALA B 391 -20.31 0.60 -27.01
C ALA B 391 -20.18 1.86 -27.90
N ASP B 392 -19.36 1.81 -28.94
CA ASP B 392 -19.25 2.97 -29.83
C ASP B 392 -20.39 2.85 -30.84
N PHE B 393 -20.85 1.62 -31.05
CA PHE B 393 -21.90 1.39 -32.00
C PHE B 393 -23.31 1.28 -31.44
N ARG B 394 -24.17 2.13 -32.00
CA ARG B 394 -25.58 2.13 -31.63
C ARG B 394 -26.44 2.45 -32.85
N GLU B 395 -27.47 1.62 -33.07
CA GLU B 395 -28.42 1.79 -34.16
C GLU B 395 -29.44 2.85 -33.75
N GLU B 396 -29.56 3.07 -32.46
CA GLU B 396 -30.48 4.06 -31.93
C GLU B 396 -29.92 4.80 -30.74
N ALA B 397 -29.91 6.11 -30.81
CA ALA B 397 -29.37 6.87 -29.69
C ALA B 397 -29.70 8.35 -29.72
N ASN B 398 -29.94 8.91 -28.54
CA ASN B 398 -30.27 10.32 -28.35
C ASN B 398 -29.29 11.35 -28.96
N LYS B 399 -29.59 12.63 -28.76
CA LYS B 399 -28.75 13.69 -29.29
C LYS B 399 -27.38 13.83 -28.61
N GLN B 400 -27.25 13.33 -27.38
CA GLN B 400 -25.97 13.44 -26.67
C GLN B 400 -24.94 12.37 -27.07
N TYR B 401 -25.43 11.20 -27.46
CA TYR B 401 -24.59 10.07 -27.89
C TYR B 401 -23.82 10.51 -29.15
N LYS B 402 -22.49 10.56 -29.02
CA LYS B 402 -21.62 11.04 -30.09
C LYS B 402 -20.95 10.00 -30.98
N ARG B 403 -20.93 8.76 -30.52
CA ARG B 403 -20.31 7.66 -31.24
C ARG B 403 -21.10 7.23 -32.50
N LEU B 404 -20.99 5.98 -32.92
CA LEU B 404 -21.67 5.52 -34.13
C LEU B 404 -23.17 5.26 -34.00
N VAL B 405 -23.92 5.90 -34.91
CA VAL B 405 -25.38 5.81 -35.01
C VAL B 405 -25.72 5.22 -36.39
N LEU B 406 -26.63 4.23 -36.43
CA LEU B 406 -27.05 3.54 -37.67
C LEU B 406 -27.14 4.33 -38.97
N GLY B 407 -27.15 5.65 -38.89
CA GLY B 407 -27.20 6.47 -40.08
C GLY B 407 -26.46 7.74 -39.77
N LYS B 408 -25.23 7.59 -39.31
CA LYS B 408 -24.44 8.74 -38.96
C LYS B 408 -22.98 8.44 -39.32
N GLU B 409 -22.08 9.36 -38.98
CA GLU B 409 -20.67 9.16 -39.27
C GLU B 409 -19.76 9.56 -38.10
N VAL B 410 -18.75 8.72 -37.81
CA VAL B 410 -17.81 8.98 -36.74
C VAL B 410 -16.36 9.03 -37.21
N ARG B 411 -15.65 10.09 -36.81
CA ARG B 411 -14.26 10.27 -37.20
C ARG B 411 -13.38 9.30 -36.47
N LEU B 412 -12.98 8.24 -37.16
CA LEU B 412 -12.10 7.25 -36.56
C LEU B 412 -10.83 7.94 -36.11
N ARG B 413 -10.44 7.62 -34.88
CA ARG B 413 -9.27 8.17 -34.25
C ARG B 413 -8.10 8.21 -35.21
N ASN B 414 -7.53 9.40 -35.37
CA ASN B 414 -6.39 9.66 -36.23
C ASN B 414 -6.45 9.05 -37.64
N ALA B 415 -7.65 8.90 -38.18
CA ALA B 415 -7.81 8.34 -39.52
C ALA B 415 -9.00 8.91 -40.29
N TYR B 416 -9.94 8.06 -40.67
CA TYR B 416 -11.08 8.47 -41.48
C TYR B 416 -12.44 8.58 -40.84
N VAL B 417 -13.32 9.29 -41.53
CA VAL B 417 -14.71 9.43 -41.10
C VAL B 417 -15.46 8.35 -41.84
N ILE B 418 -15.92 7.33 -41.13
CA ILE B 418 -16.69 6.28 -41.77
C ILE B 418 -18.15 6.67 -41.60
N LYS B 419 -19.05 5.77 -41.98
CA LYS B 419 -20.48 6.01 -41.85
C LYS B 419 -21.18 4.66 -41.97
N ALA B 420 -21.59 4.15 -40.83
CA ALA B 420 -22.29 2.88 -40.76
C ALA B 420 -23.52 3.04 -41.62
N GLU B 421 -23.82 2.01 -42.40
CA GLU B 421 -24.98 2.05 -43.27
C GLU B 421 -25.76 0.75 -43.27
N ARG B 422 -25.23 -0.25 -42.55
CA ARG B 422 -25.91 -1.53 -42.43
C ARG B 422 -25.48 -2.06 -41.08
N VAL B 423 -25.62 -3.36 -40.88
CA VAL B 423 -25.23 -4.03 -39.64
C VAL B 423 -25.60 -5.47 -39.92
N GLU B 424 -25.48 -6.32 -38.93
CA GLU B 424 -25.83 -7.71 -39.13
C GLU B 424 -25.93 -8.26 -37.75
N LYS B 425 -26.68 -9.35 -37.59
CA LYS B 425 -26.85 -9.96 -36.30
C LYS B 425 -26.71 -11.46 -36.33
N ASP B 426 -26.99 -12.09 -35.19
CA ASP B 426 -26.87 -13.53 -35.05
C ASP B 426 -28.09 -14.13 -34.31
N ALA B 427 -27.91 -15.35 -33.80
CA ALA B 427 -28.92 -16.07 -33.04
C ALA B 427 -29.51 -15.15 -31.98
N GLU B 428 -28.79 -14.97 -30.88
CA GLU B 428 -29.27 -14.13 -29.79
C GLU B 428 -29.60 -12.70 -30.27
N GLY B 429 -29.26 -12.38 -31.51
CA GLY B 429 -29.59 -11.06 -32.00
C GLY B 429 -28.53 -10.01 -31.77
N ASN B 430 -27.33 -10.44 -31.35
CA ASN B 430 -26.21 -9.52 -31.14
C ASN B 430 -25.49 -9.41 -32.49
N ILE B 431 -24.94 -8.23 -32.78
CA ILE B 431 -24.23 -7.98 -34.04
C ILE B 431 -22.89 -8.71 -34.17
N THR B 432 -22.47 -8.99 -35.40
CA THR B 432 -21.18 -9.61 -35.65
C THR B 432 -20.34 -8.64 -36.48
N THR B 433 -21.00 -7.74 -37.19
CA THR B 433 -20.29 -6.79 -38.02
C THR B 433 -21.09 -5.56 -38.41
N ILE B 434 -20.37 -4.46 -38.59
CA ILE B 434 -20.94 -3.17 -38.95
C ILE B 434 -20.34 -2.66 -40.27
N PHE B 435 -21.00 -2.99 -41.37
CA PHE B 435 -20.56 -2.58 -42.69
C PHE B 435 -20.76 -1.08 -42.81
N CYS B 436 -19.72 -0.39 -43.24
CA CYS B 436 -19.77 1.05 -43.35
C CYS B 436 -18.87 1.51 -44.47
N THR B 437 -19.00 2.79 -44.84
CA THR B 437 -18.19 3.37 -45.92
C THR B 437 -17.33 4.50 -45.44
N TYR B 438 -16.07 4.51 -45.87
CA TYR B 438 -15.18 5.57 -45.47
C TYR B 438 -15.19 6.73 -46.47
N ASP B 439 -14.85 7.91 -46.00
CA ASP B 439 -14.77 9.09 -46.83
C ASP B 439 -13.42 8.98 -47.55
N ALA B 440 -13.15 9.90 -48.47
CA ALA B 440 -11.91 9.85 -49.25
C ALA B 440 -10.76 10.74 -48.74
N ASP B 441 -11.01 12.03 -48.64
CA ASP B 441 -10.00 12.99 -48.18
C ASP B 441 -10.46 13.75 -46.93
N THR B 442 -10.69 13.01 -45.84
CA THR B 442 -11.09 13.62 -44.59
C THR B 442 -10.03 13.31 -43.55
N LEU B 443 -8.93 14.05 -43.62
CA LEU B 443 -7.81 13.86 -42.70
C LEU B 443 -6.65 14.82 -43.00
N GLY B 455 -19.21 12.49 -33.97
CA GLY B 455 -18.18 12.34 -32.95
C GLY B 455 -16.97 11.47 -33.29
N VAL B 456 -16.04 11.32 -32.33
CA VAL B 456 -14.82 10.51 -32.51
C VAL B 456 -14.88 9.22 -31.72
N ILE B 457 -14.16 8.21 -32.20
CA ILE B 457 -14.08 6.93 -31.50
C ILE B 457 -12.68 6.39 -31.78
N HIS B 458 -12.35 5.24 -31.21
CA HIS B 458 -11.05 4.63 -31.42
C HIS B 458 -11.19 3.32 -32.16
N TRP B 459 -10.08 2.65 -32.45
CA TRP B 459 -10.12 1.39 -33.21
C TRP B 459 -8.80 0.64 -33.27
N VAL B 460 -8.84 -0.50 -33.97
CA VAL B 460 -7.67 -1.38 -34.21
C VAL B 460 -7.90 -2.25 -35.47
N SER B 461 -7.05 -2.09 -36.49
CA SER B 461 -7.14 -2.88 -37.72
C SER B 461 -7.11 -4.34 -37.31
N ALA B 462 -8.20 -5.05 -37.56
CA ALA B 462 -8.32 -6.47 -37.20
C ALA B 462 -7.15 -7.31 -37.65
N ALA B 463 -6.66 -6.96 -38.83
CA ALA B 463 -5.54 -7.63 -39.47
C ALA B 463 -4.26 -7.45 -38.66
N HIS B 464 -3.78 -6.22 -38.62
CA HIS B 464 -2.56 -5.90 -37.89
C HIS B 464 -2.85 -5.77 -36.38
N ALA B 465 -3.90 -6.44 -35.91
CA ALA B 465 -4.30 -6.37 -34.51
C ALA B 465 -3.53 -7.28 -33.58
N LEU B 466 -3.15 -6.73 -32.44
CA LEU B 466 -2.42 -7.47 -31.44
C LEU B 466 -3.43 -7.99 -30.43
N PRO B 467 -3.56 -9.30 -30.31
CA PRO B 467 -4.47 -9.96 -29.37
C PRO B 467 -3.99 -9.63 -27.96
N VAL B 468 -4.76 -8.87 -27.20
CA VAL B 468 -4.32 -8.49 -25.87
C VAL B 468 -5.34 -8.80 -24.78
N GLU B 469 -4.91 -9.41 -23.68
CA GLU B 469 -5.82 -9.68 -22.57
C GLU B 469 -5.87 -8.38 -21.80
N ILE B 470 -7.03 -8.02 -21.26
CA ILE B 470 -7.13 -6.78 -20.51
C ILE B 470 -7.81 -7.04 -19.18
N ARG B 471 -7.18 -6.56 -18.11
CA ARG B 471 -7.73 -6.78 -16.78
C ARG B 471 -8.29 -5.49 -16.28
N LEU B 472 -9.62 -5.43 -16.22
CA LEU B 472 -10.34 -4.26 -15.75
C LEU B 472 -10.53 -4.42 -14.24
N TYR B 473 -9.92 -3.54 -13.49
CA TYR B 473 -10.00 -3.61 -12.06
C TYR B 473 -10.99 -2.61 -11.54
N ASP B 474 -11.52 -2.90 -10.35
CA ASP B 474 -12.48 -2.03 -9.65
C ASP B 474 -12.26 -2.21 -8.15
N ARG B 475 -12.70 -1.26 -7.32
CA ARG B 475 -12.50 -1.34 -5.86
C ARG B 475 -12.77 -2.73 -5.33
N LEU B 476 -11.81 -3.27 -4.58
CA LEU B 476 -11.93 -4.64 -4.07
C LEU B 476 -13.19 -4.89 -3.30
N PHE B 477 -13.56 -3.97 -2.40
CA PHE B 477 -14.76 -4.16 -1.61
C PHE B 477 -15.98 -3.36 -2.05
N SER B 478 -17.13 -4.02 -1.96
CA SER B 478 -18.42 -3.47 -2.35
C SER B 478 -18.92 -2.33 -1.49
N VAL B 479 -18.37 -2.19 -0.29
CA VAL B 479 -18.79 -1.16 0.65
C VAL B 479 -17.70 -0.23 1.12
N PRO B 480 -18.00 1.08 1.15
CA PRO B 480 -17.16 2.20 1.55
C PRO B 480 -16.29 1.89 2.72
N ASN B 481 -16.82 1.14 3.67
CA ASN B 481 -16.04 0.81 4.85
C ASN B 481 -16.11 -0.66 5.17
N PRO B 482 -15.56 -1.49 4.28
CA PRO B 482 -15.58 -2.93 4.53
C PRO B 482 -14.99 -3.30 5.89
N GLY B 483 -14.18 -2.42 6.45
CA GLY B 483 -13.59 -2.70 7.73
C GLY B 483 -14.61 -2.93 8.83
N ALA B 484 -15.53 -1.97 8.99
CA ALA B 484 -16.54 -2.06 10.02
C ALA B 484 -17.57 -3.13 9.77
N ALA B 485 -17.43 -3.84 8.65
CA ALA B 485 -18.39 -4.90 8.31
C ALA B 485 -18.16 -6.11 9.18
N ASP B 486 -19.19 -6.97 9.25
CA ASP B 486 -19.13 -8.19 10.04
C ASP B 486 -18.06 -9.14 9.49
N ASP B 487 -18.11 -9.43 8.20
CA ASP B 487 -17.11 -10.29 7.60
C ASP B 487 -16.59 -9.58 6.36
N PHE B 488 -15.49 -8.86 6.48
CA PHE B 488 -15.03 -8.12 5.32
C PHE B 488 -14.96 -8.96 4.07
N LEU B 489 -14.66 -10.24 4.22
CA LEU B 489 -14.58 -11.11 3.05
C LEU B 489 -15.91 -11.22 2.38
N SER B 490 -16.96 -11.22 3.19
CA SER B 490 -18.31 -11.35 2.67
C SER B 490 -18.75 -10.12 1.89
N VAL B 491 -17.92 -9.10 1.86
CA VAL B 491 -18.33 -7.93 1.14
C VAL B 491 -17.41 -7.54 -0.02
N ILE B 492 -16.62 -8.52 -0.47
CA ILE B 492 -15.73 -8.36 -1.60
C ILE B 492 -16.56 -8.14 -2.87
N ASN B 493 -16.07 -7.29 -3.76
CA ASN B 493 -16.77 -7.03 -5.00
C ASN B 493 -16.34 -8.12 -5.98
N PRO B 494 -17.28 -8.98 -6.41
CA PRO B 494 -16.97 -10.06 -7.36
C PRO B 494 -16.47 -9.50 -8.69
N GLU B 495 -16.73 -8.21 -8.88
CA GLU B 495 -16.33 -7.50 -10.07
C GLU B 495 -15.09 -6.62 -9.88
N SER B 496 -14.31 -6.88 -8.83
CA SER B 496 -13.10 -6.11 -8.60
C SER B 496 -12.13 -6.35 -9.75
N LEU B 497 -12.27 -7.48 -10.42
CA LEU B 497 -11.44 -7.80 -11.59
C LEU B 497 -12.33 -8.34 -12.69
N VAL B 498 -12.18 -7.80 -13.90
CA VAL B 498 -12.96 -8.25 -15.04
C VAL B 498 -12.00 -8.33 -16.24
N ILE B 499 -11.68 -9.59 -16.62
CA ILE B 499 -10.75 -9.90 -17.71
C ILE B 499 -11.35 -9.84 -19.09
N LYS B 500 -10.99 -8.80 -19.83
CA LYS B 500 -11.47 -8.68 -21.18
C LYS B 500 -10.43 -9.32 -22.11
N GLN B 501 -10.79 -9.40 -23.39
CA GLN B 501 -9.96 -9.97 -24.45
C GLN B 501 -10.19 -9.01 -25.57
N GLY B 502 -9.22 -8.17 -25.81
CA GLY B 502 -9.40 -7.20 -26.86
C GLY B 502 -8.29 -7.26 -27.84
N PHE B 503 -8.20 -6.21 -28.62
CA PHE B 503 -7.20 -6.13 -29.64
C PHE B 503 -6.59 -4.73 -29.54
N ALA B 504 -5.27 -4.67 -29.69
CA ALA B 504 -4.54 -3.41 -29.63
C ALA B 504 -3.68 -3.26 -30.86
N GLU B 505 -3.39 -2.01 -31.22
CA GLU B 505 -2.55 -1.72 -32.37
C GLU B 505 -1.23 -2.51 -32.25
N PRO B 506 -0.46 -2.64 -33.35
CA PRO B 506 0.78 -3.41 -33.17
C PRO B 506 1.86 -2.75 -32.30
N SER B 507 1.84 -1.42 -32.16
CA SER B 507 2.85 -0.75 -31.34
C SER B 507 3.01 -1.39 -29.95
N LEU B 508 1.88 -1.62 -29.29
CA LEU B 508 1.85 -2.24 -27.97
C LEU B 508 2.63 -3.56 -27.92
N LYS B 509 3.10 -4.04 -29.06
CA LYS B 509 3.86 -5.26 -29.08
C LYS B 509 5.09 -5.04 -28.24
N ASP B 510 5.61 -3.82 -28.26
CA ASP B 510 6.82 -3.48 -27.51
C ASP B 510 6.61 -2.74 -26.21
N ALA B 511 5.59 -3.14 -25.49
CA ALA B 511 5.30 -2.55 -24.21
C ALA B 511 6.27 -3.19 -23.22
N VAL B 512 7.18 -2.39 -22.67
CA VAL B 512 8.13 -2.91 -21.70
C VAL B 512 7.43 -2.80 -20.37
N ALA B 513 7.31 -3.93 -19.66
CA ALA B 513 6.67 -3.97 -18.34
C ALA B 513 7.24 -2.83 -17.50
N GLY B 514 6.44 -1.80 -17.34
CA GLY B 514 6.89 -0.64 -16.60
C GLY B 514 6.08 0.55 -17.01
N LYS B 515 6.37 1.10 -18.18
CA LYS B 515 5.63 2.27 -18.62
C LYS B 515 4.16 1.98 -18.72
N ALA B 516 3.36 3.01 -18.49
CA ALA B 516 1.94 2.88 -18.56
C ALA B 516 1.51 3.79 -19.69
N PHE B 517 0.91 3.19 -20.71
CA PHE B 517 0.43 3.93 -21.86
C PHE B 517 -0.98 4.37 -21.51
N GLN B 518 -1.59 5.17 -22.36
CA GLN B 518 -2.96 5.62 -22.11
C GLN B 518 -3.85 5.18 -23.27
N PHE B 519 -4.50 4.04 -23.13
CA PHE B 519 -5.38 3.55 -24.17
C PHE B 519 -6.47 4.56 -24.30
N GLU B 520 -6.37 5.32 -25.38
CA GLU B 520 -7.26 6.42 -25.75
C GLU B 520 -8.71 6.13 -25.42
N ARG B 521 -9.37 7.14 -24.84
CA ARG B 521 -10.77 7.05 -24.47
C ARG B 521 -11.13 5.92 -23.50
N GLU B 522 -10.15 5.17 -22.99
CA GLU B 522 -10.48 4.09 -22.06
C GLU B 522 -9.88 4.32 -20.69
N GLY B 523 -8.55 4.37 -20.62
CA GLY B 523 -7.89 4.59 -19.36
C GLY B 523 -6.39 4.52 -19.51
N TYR B 524 -5.72 4.48 -18.37
CA TYR B 524 -4.29 4.39 -18.37
C TYR B 524 -4.03 2.94 -18.07
N PHE B 525 -3.19 2.32 -18.90
CA PHE B 525 -2.89 0.92 -18.71
C PHE B 525 -1.43 0.66 -18.55
N CYS B 526 -1.12 -0.51 -18.04
CA CYS B 526 0.24 -0.91 -17.84
C CYS B 526 0.21 -2.40 -18.08
N LEU B 527 1.33 -2.89 -18.54
CA LEU B 527 1.49 -4.32 -18.76
C LEU B 527 1.70 -4.94 -17.35
N ASP B 528 0.79 -5.84 -17.03
CA ASP B 528 0.73 -6.57 -15.75
C ASP B 528 1.95 -7.46 -15.69
N SER B 529 2.87 -7.17 -14.78
CA SER B 529 4.02 -8.02 -14.69
C SER B 529 3.91 -9.21 -13.78
N ARG B 530 2.71 -9.78 -13.62
CA ARG B 530 2.70 -11.11 -13.04
C ARG B 530 2.21 -12.15 -14.04
N HIS B 531 1.57 -11.75 -15.15
CA HIS B 531 1.12 -12.75 -16.13
C HIS B 531 1.55 -12.70 -17.61
N SER B 532 1.74 -11.51 -18.18
CA SER B 532 2.07 -11.37 -19.61
C SER B 532 3.19 -12.18 -20.27
N THR B 533 2.87 -12.80 -21.39
CA THR B 533 3.82 -13.60 -22.16
C THR B 533 4.08 -12.91 -23.50
N ALA B 534 5.01 -13.48 -24.26
CA ALA B 534 5.38 -12.96 -25.57
C ALA B 534 4.14 -12.83 -26.46
N GLU B 535 3.32 -13.89 -26.50
CA GLU B 535 2.12 -13.87 -27.31
C GLU B 535 0.93 -13.23 -26.61
N LYS B 536 0.73 -13.53 -25.33
CA LYS B 536 -0.43 -12.97 -24.62
C LYS B 536 -0.10 -11.90 -23.59
N PRO B 537 0.37 -10.75 -24.06
CA PRO B 537 0.72 -9.63 -23.19
C PRO B 537 -0.51 -9.35 -22.35
N VAL B 538 -0.31 -8.92 -21.12
CA VAL B 538 -1.43 -8.61 -20.24
C VAL B 538 -1.30 -7.17 -19.75
N PHE B 539 -2.30 -6.36 -20.10
CA PHE B 539 -2.36 -4.95 -19.72
C PHE B 539 -3.37 -4.69 -18.60
N ASN B 540 -2.87 -4.21 -17.48
CA ASN B 540 -3.67 -3.85 -16.33
C ASN B 540 -4.25 -2.45 -16.56
N ARG B 541 -5.48 -2.22 -16.12
CA ARG B 541 -6.02 -0.87 -16.21
C ARG B 541 -5.71 -0.27 -14.86
N THR B 542 -4.76 0.67 -14.85
CA THR B 542 -4.36 1.35 -13.63
C THR B 542 -5.59 2.07 -13.14
N VAL B 543 -6.03 3.06 -13.89
CA VAL B 543 -7.21 3.80 -13.55
C VAL B 543 -7.87 4.26 -14.84
N GLY B 544 -9.20 4.35 -14.80
CA GLY B 544 -9.94 4.77 -15.96
C GLY B 544 -9.91 6.26 -16.08
N LEU B 545 -10.62 6.76 -17.09
CA LEU B 545 -10.68 8.17 -17.32
C LEU B 545 -11.92 8.77 -16.68
N ARG B 546 -11.94 10.10 -16.60
CA ARG B 546 -13.09 10.79 -16.05
C ARG B 546 -14.16 10.73 -17.13
N ASP B 547 -15.26 10.06 -16.81
CA ASP B 547 -16.37 9.92 -17.73
C ASP B 547 -17.61 10.51 -17.09
N THR B 548 -18.28 11.40 -17.81
CA THR B 548 -19.47 12.04 -17.28
C THR B 548 -20.64 12.02 -18.27
N QSI C . 5.85 -1.47 15.48
CA QSI C . 4.85 -0.59 15.51
CB QSI C . 5.41 0.81 15.60
CG QSI C . 4.51 1.76 16.34
CD QSI C . 5.07 3.16 16.38
OE1 QSI C . 5.22 3.79 15.35
NE2 QSI C . 5.71 3.56 17.63
C QSI C . 3.83 -0.69 14.35
O QSI C . 2.85 0.08 14.32
N10 QSI C . 3.83 -1.80 13.53
S QSI C . 3.36 -1.68 11.83
O1S QSI C . 1.87 -2.03 11.72
O2S QSI C . 4.34 -2.45 11.07
O5' QSI C . 3.50 -0.28 11.35
C5' QSI C . 4.80 0.33 11.27
C4' QSI C . 4.65 1.83 11.21
O4' QSI C . 3.94 2.18 9.99
C1' QSI C . 3.04 3.25 10.24
N9 QSI C . 1.68 2.74 10.08
C4 QSI C . 0.67 3.38 9.38
N3 QSI C . 0.75 4.55 8.74
C2 QSI C . -0.44 4.86 8.18
N1 QSI C . -1.58 4.17 8.18
C6 QSI C . -1.62 2.98 8.84
N6 QSI C . -2.76 2.28 8.83
C5 QSI C . -0.43 2.55 9.49
N7 QSI C . -0.14 1.42 10.24
C8 QSI C . 1.13 1.58 10.57
C2' QSI C . 3.37 3.73 11.65
O2' QSI C . 4.43 4.67 11.60
C3' QSI C . 3.78 2.43 12.30
O3' QSI C . 4.53 2.64 13.48
#